data_7VWM
#
_entry.id   7VWM
#
_cell.length_a   71.510
_cell.length_b   75.194
_cell.length_c   104.736
_cell.angle_alpha   90.000
_cell.angle_beta   90.000
_cell.angle_gamma   90.000
#
_symmetry.space_group_name_H-M   'P 21 21 21'
#
loop_
_entity.id
_entity.type
_entity.pdbx_description
1 polymer 'Limonene-1,2-epoxide hydrolase'
2 non-polymer DI(HYDROXYETHYL)ETHER
3 non-polymer 1,2-ETHANEDIOL
4 non-polymer GLYCEROL
5 water water
#
_entity_poly.entity_id   1
_entity_poly.type   'polypeptide(L)'
_entity_poly.pdbx_seq_one_letter_code
;MHHHHHHTSKIEQPRWASKDSAAGAASTPDEKIVLEFMDALTSNDAAKLIEYFAEDTMFQAMPLPPAYGRDAVEQTLAGL
FTVMSIDAVETFHIGSSNGLVYTERVDVLRALPTGKSYNLSVLGVFQLTEGKITGWRDYFDLREFEEAVDLPLRG
;
_entity_poly.pdbx_strand_id   A,B,C,D
#
loop_
_chem_comp.id
_chem_comp.type
_chem_comp.name
_chem_comp.formula
EDO non-polymer 1,2-ETHANEDIOL 'C2 H6 O2'
GOL non-polymer GLYCEROL 'C3 H8 O3'
PEG non-polymer DI(HYDROXYETHYL)ETHER 'C4 H10 O3'
#
# COMPACT_ATOMS: atom_id res chain seq x y z
N LYS A 10 20.48 3.86 -9.01
CA LYS A 10 19.03 4.05 -9.16
C LYS A 10 18.26 2.91 -8.50
N ILE A 11 18.46 1.69 -9.00
CA ILE A 11 17.71 0.52 -8.56
C ILE A 11 18.36 -0.01 -7.29
N GLU A 12 17.75 0.27 -6.14
CA GLU A 12 18.27 -0.25 -4.88
C GLU A 12 18.21 -1.78 -4.86
N GLN A 13 19.16 -2.38 -4.17
CA GLN A 13 19.11 -3.81 -3.91
C GLN A 13 18.01 -4.06 -2.88
N PRO A 14 17.02 -4.88 -3.19
CA PRO A 14 15.98 -5.18 -2.19
C PRO A 14 16.63 -5.68 -0.92
N ARG A 15 15.98 -5.43 0.21
CA ARG A 15 16.46 -5.95 1.50
C ARG A 15 16.49 -7.49 1.44
N TRP A 16 15.54 -8.07 0.73
CA TRP A 16 15.47 -9.52 0.68
C TRP A 16 16.38 -10.12 -0.38
N ALA A 17 17.16 -9.31 -1.10
CA ALA A 17 18.02 -9.87 -2.13
C ALA A 17 19.02 -10.83 -1.49
N SER A 18 19.24 -11.95 -2.16
CA SER A 18 20.24 -12.89 -1.68
C SER A 18 21.59 -12.18 -1.57
N LYS A 19 22.30 -12.44 -0.49
CA LYS A 19 23.65 -11.93 -0.37
C LYS A 19 24.66 -12.91 -0.93
N ASP A 20 24.21 -14.08 -1.35
CA ASP A 20 25.03 -14.99 -2.12
C ASP A 20 25.20 -14.38 -3.50
N SER A 21 26.42 -13.94 -3.81
CA SER A 21 26.64 -13.18 -5.03
C SER A 21 26.42 -14.05 -6.26
N ALA A 22 26.43 -15.36 -6.11
CA ALA A 22 26.18 -16.21 -7.27
C ALA A 22 24.75 -16.10 -7.74
N ALA A 23 23.82 -15.78 -6.82
CA ALA A 23 22.40 -15.79 -7.14
C ALA A 23 22.06 -14.79 -8.23
N GLY A 24 22.80 -13.69 -8.32
CA GLY A 24 22.51 -12.66 -9.27
C GLY A 24 23.29 -12.76 -10.57
N ALA A 25 24.04 -13.83 -10.80
CA ALA A 25 24.81 -13.97 -12.02
C ALA A 25 24.36 -15.24 -12.73
N ALA A 26 24.44 -15.20 -14.05
CA ALA A 26 24.14 -16.39 -14.84
C ALA A 26 25.20 -17.44 -14.59
N SER A 27 24.77 -18.65 -14.26
CA SER A 27 25.71 -19.73 -14.00
C SER A 27 25.64 -20.82 -15.07
N THR A 28 24.83 -20.64 -16.10
CA THR A 28 24.64 -21.61 -17.18
C THR A 28 24.49 -20.86 -18.49
N PRO A 29 24.70 -21.53 -19.61
CA PRO A 29 24.43 -20.87 -20.91
C PRO A 29 23.02 -20.29 -20.99
N ASP A 30 22.02 -20.98 -20.45
CA ASP A 30 20.65 -20.49 -20.57
C ASP A 30 20.45 -19.25 -19.73
N GLU A 31 20.97 -19.25 -18.51
CA GLU A 31 20.85 -18.08 -17.67
C GLU A 31 21.60 -16.91 -18.29
N LYS A 32 22.72 -17.20 -18.93
CA LYS A 32 23.47 -16.17 -19.64
C LYS A 32 22.62 -15.55 -20.75
N ILE A 33 22.00 -16.40 -21.57
CA ILE A 33 21.10 -15.90 -22.61
C ILE A 33 20.01 -15.04 -22.00
N VAL A 34 19.42 -15.50 -20.89
CA VAL A 34 18.33 -14.74 -20.29
C VAL A 34 18.82 -13.36 -19.86
N LEU A 35 19.99 -13.30 -19.23
CA LEU A 35 20.51 -12.00 -18.80
C LEU A 35 20.85 -11.13 -20.00
N GLU A 36 21.41 -11.74 -21.06
CA GLU A 36 21.59 -10.97 -22.29
CA GLU A 36 21.59 -10.97 -22.29
C GLU A 36 20.25 -10.46 -22.80
N PHE A 37 19.23 -11.30 -22.72
CA PHE A 37 17.91 -10.88 -23.16
C PHE A 37 17.37 -9.75 -22.29
N MET A 38 17.56 -9.85 -20.96
CA MET A 38 17.19 -8.76 -20.07
C MET A 38 17.85 -7.45 -20.49
N ASP A 39 19.15 -7.50 -20.76
CA ASP A 39 19.84 -6.32 -21.28
CA ASP A 39 19.84 -6.32 -21.28
C ASP A 39 19.20 -5.85 -22.58
N ALA A 40 18.87 -6.80 -23.47
CA ALA A 40 18.28 -6.46 -24.75
C ALA A 40 16.90 -5.84 -24.60
N LEU A 41 16.18 -6.16 -23.53
CA LEU A 41 14.88 -5.57 -23.29
C LEU A 41 14.93 -4.05 -23.37
N THR A 42 16.02 -3.45 -22.89
CA THR A 42 16.10 -1.99 -22.91
C THR A 42 16.20 -1.44 -24.32
N SER A 43 16.33 -2.31 -25.33
CA SER A 43 16.24 -1.85 -26.71
C SER A 43 14.83 -1.38 -27.05
N ASN A 44 13.82 -1.90 -26.34
CA ASN A 44 12.44 -1.56 -26.67
C ASN A 44 12.14 -1.91 -28.12
N ASP A 45 12.82 -2.93 -28.60
CA ASP A 45 12.88 -3.23 -30.03
C ASP A 45 12.42 -4.68 -30.20
N ALA A 46 11.14 -4.86 -30.51
CA ALA A 46 10.58 -6.20 -30.62
C ALA A 46 11.28 -7.01 -31.71
N ALA A 47 11.69 -6.36 -32.81
CA ALA A 47 12.39 -7.08 -33.87
C ALA A 47 13.73 -7.60 -33.37
N LYS A 48 14.44 -6.80 -32.59
CA LYS A 48 15.66 -7.27 -31.95
C LYS A 48 15.35 -8.38 -30.96
N LEU A 49 14.38 -8.15 -30.08
CA LEU A 49 14.09 -9.11 -29.03
C LEU A 49 13.62 -10.44 -29.60
N ILE A 50 12.85 -10.40 -30.68
CA ILE A 50 12.20 -11.61 -31.15
C ILE A 50 13.23 -12.61 -31.64
N GLU A 51 14.43 -12.14 -31.97
CA GLU A 51 15.49 -13.05 -32.40
C GLU A 51 15.87 -14.02 -31.30
N TYR A 52 15.59 -13.68 -30.06
CA TYR A 52 15.88 -14.63 -28.95
C TYR A 52 14.84 -15.76 -28.90
N PHE A 53 13.78 -15.68 -29.69
CA PHE A 53 12.65 -16.59 -29.50
C PHE A 53 12.61 -17.66 -30.57
N ALA A 54 12.29 -18.89 -30.15
CA ALA A 54 11.94 -19.92 -31.11
C ALA A 54 10.62 -19.56 -31.79
N GLU A 55 10.36 -20.18 -32.93
CA GLU A 55 9.06 -19.98 -33.63
C GLU A 55 7.98 -20.48 -32.68
N ASP A 56 8.18 -21.68 -32.16
CA ASP A 56 7.23 -22.25 -31.22
C ASP A 56 7.59 -21.69 -29.86
N THR A 57 6.91 -20.63 -29.47
CA THR A 57 7.26 -19.93 -28.25
C THR A 57 6.01 -19.32 -27.69
N MET A 58 6.16 -18.66 -26.55
CA MET A 58 5.06 -17.87 -26.05
C MET A 58 5.65 -16.80 -25.15
N PHE A 59 4.89 -15.74 -24.99
CA PHE A 59 5.22 -14.67 -24.08
C PHE A 59 3.97 -14.30 -23.32
N GLN A 60 4.11 -14.07 -22.03
CA GLN A 60 2.99 -13.52 -21.29
C GLN A 60 3.52 -12.69 -20.13
N ALA A 61 3.30 -11.39 -20.22
CA ALA A 61 3.16 -10.57 -19.02
C ALA A 61 1.88 -11.02 -18.35
N MET A 62 2.00 -11.72 -17.22
CA MET A 62 0.88 -12.51 -16.75
C MET A 62 -0.39 -11.70 -16.49
N PRO A 63 -0.33 -10.42 -16.11
CA PRO A 63 -1.58 -9.63 -16.05
C PRO A 63 -2.24 -9.45 -17.40
N LEU A 64 -1.54 -9.71 -18.48
CA LEU A 64 -2.05 -9.46 -19.81
C LEU A 64 -2.15 -10.77 -20.58
N PRO A 65 -2.81 -10.78 -21.73
CA PRO A 65 -3.06 -12.05 -22.39
C PRO A 65 -1.78 -12.64 -22.94
N PRO A 66 -1.67 -13.95 -23.01
CA PRO A 66 -0.47 -14.57 -23.56
C PRO A 66 -0.38 -14.34 -25.06
N ALA A 67 0.84 -14.34 -25.57
CA ALA A 67 1.08 -14.36 -27.00
C ALA A 67 1.73 -15.71 -27.31
N TYR A 68 1.12 -16.45 -28.22
CA TYR A 68 1.60 -17.77 -28.59
C TYR A 68 2.14 -17.72 -30.01
N GLY A 69 3.36 -18.20 -30.17
CA GLY A 69 3.99 -18.15 -31.46
C GLY A 69 4.83 -16.92 -31.62
N ARG A 70 5.93 -17.07 -32.35
CA ARG A 70 6.92 -16.00 -32.45
C ARG A 70 6.29 -14.73 -32.98
N ASP A 71 5.44 -14.85 -34.00
CA ASP A 71 4.80 -13.67 -34.55
C ASP A 71 4.01 -12.92 -33.48
N ALA A 72 3.10 -13.61 -32.79
CA ALA A 72 2.32 -12.99 -31.73
C ALA A 72 3.22 -12.40 -30.66
N VAL A 73 4.28 -13.12 -30.30
CA VAL A 73 5.21 -12.59 -29.31
C VAL A 73 5.78 -11.28 -29.80
N GLU A 74 6.29 -11.26 -31.02
CA GLU A 74 6.88 -10.03 -31.53
C GLU A 74 5.86 -8.90 -31.56
N GLN A 75 4.67 -9.16 -32.12
CA GLN A 75 3.69 -8.09 -32.20
C GLN A 75 3.20 -7.69 -30.82
N THR A 76 3.09 -8.66 -29.90
CA THR A 76 2.70 -8.33 -28.55
C THR A 76 3.77 -7.50 -27.86
N LEU A 77 5.04 -7.89 -28.03
CA LEU A 77 6.13 -7.08 -27.51
C LEU A 77 6.13 -5.71 -28.17
N ALA A 78 6.05 -5.70 -29.50
CA ALA A 78 6.01 -4.42 -30.21
C ALA A 78 4.92 -3.53 -29.65
N GLY A 79 3.76 -4.11 -29.36
CA GLY A 79 2.66 -3.33 -28.80
C GLY A 79 3.03 -2.70 -27.47
N LEU A 80 3.67 -3.47 -26.58
CA LEU A 80 4.12 -2.91 -25.32
C LEU A 80 5.08 -1.75 -25.53
N PHE A 81 6.03 -1.91 -26.43
CA PHE A 81 7.02 -0.86 -26.64
C PHE A 81 6.46 0.35 -27.36
N THR A 82 5.24 0.29 -27.90
CA THR A 82 4.63 1.52 -28.38
C THR A 82 4.17 2.41 -27.23
N VAL A 83 3.94 1.85 -26.04
CA VAL A 83 3.49 2.65 -24.91
C VAL A 83 4.48 2.69 -23.77
N MET A 84 5.47 1.81 -23.70
CA MET A 84 6.38 1.88 -22.58
C MET A 84 7.79 1.57 -23.04
N SER A 85 8.73 2.20 -22.35
CA SER A 85 10.13 1.89 -22.51
C SER A 85 10.59 1.11 -21.30
N ILE A 86 11.35 0.06 -21.54
CA ILE A 86 12.10 -0.63 -20.51
C ILE A 86 13.40 0.14 -20.38
N ASP A 87 13.48 1.00 -19.37
CA ASP A 87 14.67 1.82 -19.23
C ASP A 87 15.80 1.05 -18.59
N ALA A 88 15.47 0.10 -17.74
CA ALA A 88 16.50 -0.66 -17.08
C ALA A 88 15.90 -1.98 -16.61
N VAL A 89 16.72 -3.01 -16.57
CA VAL A 89 16.32 -4.29 -16.02
C VAL A 89 17.40 -4.70 -15.03
N GLU A 90 17.03 -4.83 -13.78
CA GLU A 90 17.96 -5.30 -12.78
C GLU A 90 17.48 -6.67 -12.32
N THR A 91 18.31 -7.67 -12.54
CA THR A 91 18.00 -9.02 -12.11
C THR A 91 18.75 -9.27 -10.83
N PHE A 92 18.02 -9.38 -9.73
CA PHE A 92 18.63 -9.66 -8.44
C PHE A 92 18.98 -11.14 -8.33
N HIS A 93 18.07 -12.00 -8.76
CA HIS A 93 18.23 -13.44 -8.66
C HIS A 93 17.99 -14.04 -10.02
N ILE A 94 18.86 -14.95 -10.40
CA ILE A 94 18.60 -15.76 -11.58
C ILE A 94 18.93 -17.19 -11.21
N GLY A 95 18.03 -18.10 -11.52
CA GLY A 95 18.26 -19.50 -11.30
C GLY A 95 17.63 -20.28 -12.44
N SER A 96 17.84 -21.58 -12.41
CA SER A 96 17.30 -22.37 -13.50
C SER A 96 17.25 -23.82 -13.06
N SER A 97 16.25 -24.52 -13.58
CA SER A 97 16.16 -25.96 -13.47
C SER A 97 15.27 -26.44 -14.58
N ASN A 98 15.61 -27.58 -15.15
CA ASN A 98 14.72 -28.27 -16.08
C ASN A 98 14.41 -27.41 -17.29
N GLY A 99 15.41 -26.70 -17.78
CA GLY A 99 15.18 -25.86 -18.93
C GLY A 99 14.39 -24.61 -18.65
N LEU A 100 14.09 -24.32 -17.39
CA LEU A 100 13.44 -23.07 -17.02
C LEU A 100 14.47 -22.17 -16.35
N VAL A 101 14.47 -20.92 -16.74
CA VAL A 101 15.27 -19.90 -16.08
C VAL A 101 14.32 -18.96 -15.37
N TYR A 102 14.68 -18.60 -14.15
CA TYR A 102 13.88 -17.72 -13.34
C TYR A 102 14.68 -16.46 -13.08
N THR A 103 14.00 -15.32 -13.14
CA THR A 103 14.67 -14.06 -12.91
C THR A 103 13.79 -13.28 -11.94
N GLU A 104 14.34 -12.91 -10.79
CA GLU A 104 13.68 -11.93 -9.95
C GLU A 104 14.32 -10.60 -10.27
N ARG A 105 13.51 -9.65 -10.72
CA ARG A 105 14.05 -8.46 -11.34
C ARG A 105 13.30 -7.25 -10.85
N VAL A 106 13.87 -6.09 -11.11
CA VAL A 106 13.09 -4.87 -11.25
C VAL A 106 13.26 -4.39 -12.68
N ASP A 107 12.13 -4.13 -13.30
CA ASP A 107 12.18 -3.49 -14.61
C ASP A 107 11.80 -2.03 -14.37
N VAL A 108 12.69 -1.12 -14.72
CA VAL A 108 12.33 0.29 -14.69
C VAL A 108 11.57 0.57 -15.97
N LEU A 109 10.26 0.75 -15.85
CA LEU A 109 9.40 0.98 -17.00
C LEU A 109 9.02 2.45 -17.05
N ARG A 110 8.96 2.99 -18.25
CA ARG A 110 8.59 4.38 -18.44
C ARG A 110 7.45 4.41 -19.44
N ALA A 111 6.29 4.88 -18.99
CA ALA A 111 5.16 5.02 -19.89
C ALA A 111 5.44 6.18 -20.83
N LEU A 112 5.50 5.89 -22.13
CA LEU A 112 5.73 6.95 -23.10
C LEU A 112 4.64 8.02 -23.08
N PRO A 113 3.36 7.67 -22.99
CA PRO A 113 2.31 8.70 -22.99
C PRO A 113 2.46 9.72 -21.88
N THR A 114 2.97 9.32 -20.73
CA THR A 114 3.05 10.20 -19.57
C THR A 114 4.46 10.54 -19.17
N GLY A 115 5.44 9.78 -19.66
CA GLY A 115 6.80 10.01 -19.22
C GLY A 115 7.07 9.59 -17.80
N LYS A 116 6.10 8.96 -17.13
CA LYS A 116 6.31 8.51 -15.77
C LYS A 116 6.96 7.14 -15.77
N SER A 117 7.88 6.93 -14.85
CA SER A 117 8.62 5.69 -14.72
C SER A 117 8.18 4.97 -13.48
N TYR A 118 8.36 3.66 -13.50
CA TYR A 118 7.94 2.83 -12.40
C TYR A 118 8.87 1.64 -12.31
N ASN A 119 9.34 1.36 -11.11
CA ASN A 119 10.19 0.20 -10.86
C ASN A 119 9.27 -0.99 -10.66
N LEU A 120 9.16 -1.82 -11.68
CA LEU A 120 8.25 -2.96 -11.66
C LEU A 120 8.99 -4.14 -11.05
N SER A 121 8.53 -4.58 -9.89
CA SER A 121 9.03 -5.83 -9.34
C SER A 121 8.46 -6.97 -10.16
N VAL A 122 9.34 -7.77 -10.74
CA VAL A 122 8.95 -8.81 -11.66
C VAL A 122 9.67 -10.08 -11.27
N LEU A 123 8.94 -11.18 -11.31
CA LEU A 123 9.54 -12.50 -11.28
C LEU A 123 9.17 -13.14 -12.60
N GLY A 124 10.18 -13.56 -13.34
CA GLY A 124 10.00 -13.99 -14.71
C GLY A 124 10.49 -15.41 -14.82
N VAL A 125 9.87 -16.16 -15.71
CA VAL A 125 10.31 -17.51 -16.00
C VAL A 125 10.53 -17.59 -17.50
N PHE A 126 11.61 -18.21 -17.88
CA PHE A 126 11.93 -18.40 -19.26
C PHE A 126 12.18 -19.88 -19.52
N GLN A 127 11.39 -20.41 -20.37
CA GLN A 127 11.78 -21.73 -21.05
CA GLN A 127 11.84 -21.66 -20.99
C GLN A 127 12.70 -21.54 -22.41
N LEU A 128 13.82 -22.21 -22.25
CA LEU A 128 14.74 -22.18 -23.38
C LEU A 128 14.90 -23.58 -23.93
N THR A 129 14.98 -23.65 -25.25
CA THR A 129 15.23 -24.87 -25.97
C THR A 129 16.33 -24.53 -26.96
N GLU A 130 17.47 -25.20 -26.82
CA GLU A 130 18.59 -24.96 -27.73
C GLU A 130 18.93 -23.49 -27.81
N GLY A 131 18.93 -22.82 -26.65
CA GLY A 131 19.33 -21.43 -26.60
C GLY A 131 18.31 -20.44 -27.11
N LYS A 132 17.11 -20.87 -27.47
CA LYS A 132 16.07 -19.97 -27.94
C LYS A 132 14.94 -19.95 -26.93
N ILE A 133 14.31 -18.80 -26.76
CA ILE A 133 13.22 -18.70 -25.79
C ILE A 133 11.98 -19.35 -26.38
N THR A 134 11.47 -20.38 -25.71
CA THR A 134 10.21 -20.99 -26.07
C THR A 134 9.10 -20.62 -25.11
N GLY A 135 9.42 -19.94 -24.02
CA GLY A 135 8.40 -19.42 -23.15
C GLY A 135 9.00 -18.31 -22.31
N TRP A 136 8.24 -17.23 -22.13
CA TRP A 136 8.69 -16.17 -21.24
C TRP A 136 7.43 -15.64 -20.58
N ARG A 137 7.32 -15.83 -19.28
CA ARG A 137 6.22 -15.27 -18.53
C ARG A 137 6.79 -14.41 -17.43
N ASP A 138 6.38 -13.16 -17.40
CA ASP A 138 6.72 -12.25 -16.32
C ASP A 138 5.50 -12.09 -15.44
N TYR A 139 5.70 -12.31 -14.14
CA TYR A 139 4.67 -12.13 -13.14
C TYR A 139 4.95 -10.86 -12.36
N PHE A 140 3.90 -10.07 -12.16
CA PHE A 140 4.00 -8.78 -11.52
C PHE A 140 2.58 -8.27 -11.36
N ASP A 141 2.45 -7.18 -10.64
CA ASP A 141 1.14 -6.59 -10.45
C ASP A 141 0.98 -5.46 -11.44
N LEU A 142 -0.05 -5.58 -12.30
CA LEU A 142 -0.25 -4.58 -13.33
C LEU A 142 -0.82 -3.29 -12.76
N ARG A 143 -1.81 -3.40 -11.87
CA ARG A 143 -2.48 -2.21 -11.37
C ARG A 143 -1.50 -1.20 -10.81
N GLU A 144 -0.64 -1.63 -9.88
CA GLU A 144 0.28 -0.69 -9.26
C GLU A 144 1.11 0.02 -10.32
N PHE A 145 1.52 -0.71 -11.36
CA PHE A 145 2.20 -0.08 -12.48
C PHE A 145 1.27 0.91 -13.17
N GLU A 146 0.06 0.47 -13.53
CA GLU A 146 -0.88 1.34 -14.22
C GLU A 146 -1.09 2.64 -13.45
N GLU A 147 -1.39 2.51 -12.16
CA GLU A 147 -1.71 3.68 -11.36
C GLU A 147 -0.51 4.59 -11.19
N ALA A 148 0.69 4.01 -11.10
CA ALA A 148 1.88 4.83 -10.94
C ALA A 148 2.11 5.70 -12.17
N VAL A 149 2.02 5.11 -13.37
CA VAL A 149 2.40 5.80 -14.59
C VAL A 149 1.21 6.35 -15.35
N ASP A 150 0.00 6.24 -14.80
CA ASP A 150 -1.19 6.76 -15.46
C ASP A 150 -1.28 6.26 -16.89
N LEU A 151 -1.17 4.94 -17.04
CA LEU A 151 -1.14 4.28 -18.34
C LEU A 151 -2.14 3.15 -18.28
N PRO A 152 -3.24 3.21 -19.02
CA PRO A 152 -4.26 2.15 -18.96
C PRO A 152 -3.84 0.93 -19.78
N LEU A 153 -3.50 -0.15 -19.09
CA LEU A 153 -3.15 -1.41 -19.74
C LEU A 153 -4.15 -2.54 -19.48
N ARG A 154 -5.00 -2.41 -18.47
CA ARG A 154 -6.02 -3.40 -18.19
C ARG A 154 -7.00 -2.87 -17.14
N ILE B 11 -6.79 -28.61 -11.70
CA ILE B 11 -6.29 -27.35 -12.33
C ILE B 11 -5.76 -27.69 -13.73
N GLU B 12 -6.24 -26.98 -14.74
CA GLU B 12 -5.76 -27.19 -16.12
C GLU B 12 -4.28 -26.84 -16.22
N GLN B 13 -3.49 -27.75 -16.77
CA GLN B 13 -2.07 -27.43 -17.01
C GLN B 13 -2.06 -26.34 -18.07
N PRO B 14 -1.44 -25.17 -17.81
CA PRO B 14 -1.36 -24.13 -18.83
C PRO B 14 -0.76 -24.69 -20.11
N ARG B 15 -1.12 -24.08 -21.24
CA ARG B 15 -0.58 -24.51 -22.51
C ARG B 15 0.94 -24.46 -22.51
N TRP B 16 1.53 -23.59 -21.70
CA TRP B 16 2.97 -23.43 -21.66
C TRP B 16 3.64 -24.29 -20.61
N ALA B 17 2.88 -25.09 -19.88
CA ALA B 17 3.47 -25.85 -18.78
C ALA B 17 4.41 -26.91 -19.34
N SER B 18 5.61 -26.97 -18.81
CA SER B 18 6.57 -27.99 -19.20
C SER B 18 5.89 -29.35 -19.16
N LYS B 19 6.09 -30.11 -20.23
CA LYS B 19 5.60 -31.51 -20.21
C LYS B 19 6.73 -32.34 -19.58
N ASP B 20 7.99 -31.87 -19.58
CA ASP B 20 9.05 -32.51 -18.81
C ASP B 20 8.55 -32.75 -17.39
N SER B 21 8.32 -34.03 -17.04
CA SER B 21 7.73 -34.31 -15.73
C SER B 21 8.66 -33.91 -14.59
N ALA B 22 9.98 -33.89 -14.82
CA ALA B 22 10.89 -33.40 -13.80
C ALA B 22 10.69 -31.92 -13.51
N ALA B 23 9.99 -31.20 -14.40
CA ALA B 23 9.83 -29.76 -14.23
C ALA B 23 9.04 -29.44 -12.96
N GLY B 24 7.96 -30.18 -12.71
CA GLY B 24 7.14 -29.92 -11.56
C GLY B 24 7.52 -30.69 -10.33
N ALA B 25 8.58 -31.47 -10.39
CA ALA B 25 9.01 -32.32 -9.29
C ALA B 25 10.20 -31.70 -8.58
N ALA B 26 10.18 -31.79 -7.25
CA ALA B 26 11.34 -31.37 -6.48
C ALA B 26 12.49 -32.31 -6.76
N SER B 27 13.66 -31.74 -7.04
CA SER B 27 14.87 -32.52 -7.28
C SER B 27 15.96 -32.19 -6.28
N THR B 28 15.64 -31.40 -5.27
CA THR B 28 16.60 -30.99 -4.26
C THR B 28 15.88 -30.92 -2.94
N PRO B 29 16.60 -31.05 -1.83
CA PRO B 29 15.94 -30.88 -0.52
C PRO B 29 15.17 -29.58 -0.42
N ASP B 30 15.73 -28.46 -0.91
CA ASP B 30 15.03 -27.19 -0.84
C ASP B 30 13.72 -27.26 -1.61
N GLU B 31 13.78 -27.78 -2.83
CA GLU B 31 12.56 -27.83 -3.62
C GLU B 31 11.54 -28.74 -2.95
N LYS B 32 12.01 -29.83 -2.35
CA LYS B 32 11.11 -30.71 -1.62
C LYS B 32 10.43 -29.95 -0.49
N ILE B 33 11.21 -29.20 0.30
CA ILE B 33 10.61 -28.39 1.34
C ILE B 33 9.58 -27.44 0.75
N VAL B 34 9.93 -26.79 -0.35
CA VAL B 34 9.01 -25.79 -0.90
C VAL B 34 7.73 -26.46 -1.36
N LEU B 35 7.87 -27.56 -2.10
CA LEU B 35 6.69 -28.29 -2.55
C LEU B 35 5.83 -28.74 -1.38
N GLU B 36 6.48 -29.21 -0.32
CA GLU B 36 5.73 -29.55 0.88
C GLU B 36 5.07 -28.32 1.47
N PHE B 37 5.77 -27.19 1.41
CA PHE B 37 5.18 -25.95 1.93
C PHE B 37 3.97 -25.55 1.11
N MET B 38 4.10 -25.59 -0.23
CA MET B 38 2.96 -25.31 -1.10
C MET B 38 1.74 -26.13 -0.69
N ASP B 39 1.94 -27.43 -0.50
CA ASP B 39 0.82 -28.26 -0.06
C ASP B 39 0.35 -27.85 1.33
N ALA B 40 1.28 -27.49 2.23
CA ALA B 40 0.89 -27.06 3.56
C ALA B 40 0.12 -25.75 3.54
N LEU B 41 0.26 -24.96 2.48
CA LEU B 41 -0.52 -23.73 2.39
C LEU B 41 -2.01 -24.01 2.48
N THR B 42 -2.46 -25.13 1.91
CA THR B 42 -3.89 -25.44 1.94
C THR B 42 -4.38 -25.71 3.35
N SER B 43 -3.48 -25.86 4.32
CA SER B 43 -3.90 -25.89 5.71
C SER B 43 -4.50 -24.56 6.12
N ASN B 44 -4.16 -23.47 5.42
CA ASN B 44 -4.67 -22.15 5.80
C ASN B 44 -4.31 -21.83 7.23
N ASP B 45 -3.25 -22.44 7.75
CA ASP B 45 -2.93 -22.41 9.17
C ASP B 45 -1.57 -21.72 9.33
N ALA B 46 -1.61 -20.44 9.72
CA ALA B 46 -0.38 -19.66 9.81
C ALA B 46 0.55 -20.20 10.89
N ALA B 47 0.00 -20.80 11.95
CA ALA B 47 0.83 -21.35 13.01
C ALA B 47 1.55 -22.59 12.53
N LYS B 48 0.89 -23.40 11.69
CA LYS B 48 1.57 -24.53 11.08
C LYS B 48 2.57 -24.07 10.04
N LEU B 49 2.17 -23.10 9.22
CA LEU B 49 3.03 -22.67 8.12
C LEU B 49 4.31 -22.02 8.61
N ILE B 50 4.20 -21.21 9.66
CA ILE B 50 5.36 -20.44 10.13
C ILE B 50 6.52 -21.35 10.49
N GLU B 51 6.26 -22.61 10.81
CA GLU B 51 7.35 -23.51 11.18
C GLU B 51 8.34 -23.70 10.02
N TYR B 52 7.88 -23.48 8.80
CA TYR B 52 8.76 -23.55 7.64
C TYR B 52 9.75 -22.39 7.57
N PHE B 53 9.57 -21.36 8.38
CA PHE B 53 10.29 -20.10 8.24
C PHE B 53 11.38 -19.96 9.29
N ALA B 54 12.54 -19.48 8.83
CA ALA B 54 13.60 -19.05 9.73
C ALA B 54 13.13 -17.84 10.53
N GLU B 55 13.88 -17.53 11.59
CA GLU B 55 13.59 -16.33 12.37
C GLU B 55 13.84 -15.07 11.53
N ASP B 56 14.98 -15.01 10.87
CA ASP B 56 15.28 -13.94 9.92
C ASP B 56 14.63 -14.31 8.60
N THR B 57 13.45 -13.77 8.34
CA THR B 57 12.73 -14.21 7.17
C THR B 57 11.91 -13.04 6.66
N MET B 58 11.31 -13.24 5.51
CA MET B 58 10.38 -12.25 5.04
C MET B 58 9.40 -12.94 4.13
N PHE B 59 8.23 -12.38 4.06
CA PHE B 59 7.23 -12.85 3.13
C PHE B 59 6.69 -11.63 2.43
N GLN B 60 6.42 -11.78 1.15
CA GLN B 60 5.69 -10.74 0.47
C GLN B 60 4.92 -11.36 -0.68
N ALA B 61 3.60 -11.27 -0.59
CA ALA B 61 2.78 -11.24 -1.79
C ALA B 61 3.08 -9.91 -2.47
N MET B 62 3.80 -9.96 -3.60
CA MET B 62 4.47 -8.76 -4.08
C MET B 62 3.54 -7.57 -4.32
N PRO B 63 2.26 -7.74 -4.68
CA PRO B 63 1.39 -6.56 -4.77
C PRO B 63 1.14 -5.88 -3.44
N LEU B 64 1.47 -6.53 -2.33
CA LEU B 64 1.17 -5.99 -1.01
C LEU B 64 2.46 -5.79 -0.22
N PRO B 65 2.40 -5.07 0.91
CA PRO B 65 3.61 -4.81 1.66
C PRO B 65 4.25 -6.09 2.16
N PRO B 66 5.58 -6.14 2.24
CA PRO B 66 6.25 -7.31 2.79
C PRO B 66 6.09 -7.37 4.29
N ALA B 67 6.28 -8.58 4.82
CA ALA B 67 6.39 -8.81 6.25
C ALA B 67 7.81 -9.31 6.51
N TYR B 68 8.51 -8.63 7.40
CA TYR B 68 9.85 -9.05 7.80
C TYR B 68 9.83 -9.61 9.21
N GLY B 69 10.54 -10.70 9.40
CA GLY B 69 10.57 -11.32 10.70
C GLY B 69 9.49 -12.38 10.79
N ARG B 70 9.84 -13.51 11.38
CA ARG B 70 8.94 -14.65 11.45
C ARG B 70 7.59 -14.28 12.04
N ASP B 71 7.59 -13.50 13.12
CA ASP B 71 6.32 -13.05 13.71
C ASP B 71 5.50 -12.29 12.70
N ALA B 72 6.11 -11.30 12.04
CA ALA B 72 5.38 -10.51 11.06
C ALA B 72 4.85 -11.38 9.94
N VAL B 73 5.63 -12.35 9.47
CA VAL B 73 5.12 -13.28 8.42
C VAL B 73 3.89 -14.04 8.94
N GLU B 74 4.00 -14.60 10.13
CA GLU B 74 2.89 -15.41 10.71
C GLU B 74 1.64 -14.56 10.82
N GLN B 75 1.76 -13.35 11.36
CA GLN B 75 0.60 -12.44 11.45
C GLN B 75 0.07 -12.22 10.04
N THR B 76 0.96 -12.04 9.07
CA THR B 76 0.47 -11.75 7.73
C THR B 76 -0.27 -12.94 7.15
N LEU B 77 0.33 -14.13 7.25
CA LEU B 77 -0.34 -15.33 6.77
C LEU B 77 -1.65 -15.56 7.52
N ALA B 78 -1.60 -15.47 8.86
CA ALA B 78 -2.83 -15.55 9.65
C ALA B 78 -3.82 -14.49 9.19
N GLY B 79 -3.34 -13.29 8.90
CA GLY B 79 -4.23 -12.27 8.37
C GLY B 79 -4.85 -12.67 7.05
N LEU B 80 -4.01 -13.15 6.13
CA LEU B 80 -4.54 -13.58 4.83
C LEU B 80 -5.55 -14.69 4.99
N PHE B 81 -5.35 -15.58 5.95
CA PHE B 81 -6.23 -16.73 6.04
C PHE B 81 -7.58 -16.42 6.68
N THR B 82 -7.73 -15.27 7.34
CA THR B 82 -9.06 -14.92 7.84
C THR B 82 -10.02 -14.58 6.72
N VAL B 83 -9.51 -14.08 5.59
CA VAL B 83 -10.35 -13.67 4.47
C VAL B 83 -10.19 -14.56 3.26
N MET B 84 -9.21 -15.45 3.24
CA MET B 84 -8.87 -16.18 2.04
C MET B 84 -8.52 -17.62 2.38
N SER B 85 -9.03 -18.56 1.61
CA SER B 85 -8.62 -19.96 1.72
C SER B 85 -7.73 -20.29 0.55
N ILE B 86 -6.59 -20.92 0.84
CA ILE B 86 -5.76 -21.51 -0.19
C ILE B 86 -6.31 -22.93 -0.35
N ASP B 87 -7.21 -23.10 -1.33
CA ASP B 87 -7.85 -24.38 -1.55
C ASP B 87 -6.93 -25.38 -2.24
N ALA B 88 -6.04 -24.90 -3.10
CA ALA B 88 -5.14 -25.80 -3.78
C ALA B 88 -3.96 -24.99 -4.27
N VAL B 89 -2.81 -25.66 -4.38
CA VAL B 89 -1.63 -25.08 -4.97
C VAL B 89 -1.11 -26.10 -5.96
N GLU B 90 -1.15 -25.74 -7.24
CA GLU B 90 -0.58 -26.57 -8.28
C GLU B 90 0.71 -25.89 -8.70
N THR B 91 1.83 -26.54 -8.44
CA THR B 91 3.12 -26.06 -8.89
C THR B 91 3.43 -26.73 -10.21
N PHE B 92 3.35 -25.97 -11.29
CA PHE B 92 3.69 -26.50 -12.61
C PHE B 92 5.18 -26.67 -12.74
N HIS B 93 5.93 -25.69 -12.25
CA HIS B 93 7.37 -25.66 -12.43
C HIS B 93 8.01 -25.34 -11.11
N ILE B 94 9.06 -26.07 -10.79
CA ILE B 94 9.85 -25.74 -9.63
C ILE B 94 11.29 -25.88 -10.05
N GLY B 95 12.09 -24.91 -9.65
CA GLY B 95 13.49 -24.90 -10.01
C GLY B 95 14.20 -24.19 -8.90
N SER B 96 15.52 -24.24 -8.95
CA SER B 96 16.23 -23.60 -7.86
C SER B 96 17.67 -23.40 -8.28
N SER B 97 18.27 -22.37 -7.71
CA SER B 97 19.69 -22.15 -7.84
C SER B 97 20.08 -21.20 -6.72
N ASN B 98 21.28 -21.41 -6.20
CA ASN B 98 21.91 -20.42 -5.33
C ASN B 98 21.06 -20.18 -4.09
N GLY B 99 20.46 -21.26 -3.59
CA GLY B 99 19.64 -21.16 -2.40
C GLY B 99 18.29 -20.54 -2.63
N LEU B 100 17.88 -20.35 -3.88
CA LEU B 100 16.53 -19.87 -4.17
C LEU B 100 15.75 -20.95 -4.88
N VAL B 101 14.49 -21.08 -4.51
CA VAL B 101 13.56 -21.98 -5.15
C VAL B 101 12.51 -21.14 -5.84
N TYR B 102 12.19 -21.51 -7.06
CA TYR B 102 11.19 -20.83 -7.86
C TYR B 102 10.07 -21.80 -8.12
N THR B 103 8.84 -21.34 -7.93
CA THR B 103 7.66 -22.15 -8.21
C THR B 103 6.75 -21.36 -9.10
N GLU B 104 6.46 -21.91 -10.28
CA GLU B 104 5.39 -21.38 -11.11
C GLU B 104 4.15 -22.20 -10.83
N ARG B 105 3.09 -21.54 -10.37
CA ARG B 105 1.99 -22.20 -9.70
C ARG B 105 0.69 -21.57 -10.13
N VAL B 106 -0.39 -22.28 -9.83
CA VAL B 106 -1.70 -21.67 -9.71
C VAL B 106 -2.14 -21.92 -8.27
N ASP B 107 -2.52 -20.86 -7.62
CA ASP B 107 -3.09 -21.01 -6.27
C ASP B 107 -4.60 -20.88 -6.43
N VAL B 108 -5.32 -21.94 -6.10
CA VAL B 108 -6.77 -21.87 -6.07
C VAL B 108 -7.13 -21.14 -4.79
N LEU B 109 -7.57 -19.90 -4.92
CA LEU B 109 -7.89 -19.06 -3.79
C LEU B 109 -9.40 -18.91 -3.69
N ARG B 110 -9.90 -18.90 -2.48
CA ARG B 110 -11.32 -18.75 -2.24
C ARG B 110 -11.49 -17.65 -1.20
N ALA B 111 -12.12 -16.55 -1.61
CA ALA B 111 -12.38 -15.45 -0.70
C ALA B 111 -13.46 -15.85 0.28
N LEU B 112 -13.13 -15.88 1.57
CA LEU B 112 -14.12 -16.28 2.56
C LEU B 112 -15.31 -15.34 2.59
N PRO B 113 -15.14 -14.01 2.63
CA PRO B 113 -16.30 -13.11 2.70
C PRO B 113 -17.23 -13.21 1.52
N THR B 114 -16.76 -13.72 0.38
CA THR B 114 -17.59 -13.80 -0.81
C THR B 114 -17.82 -15.22 -1.30
N GLY B 115 -17.11 -16.21 -0.75
CA GLY B 115 -17.24 -17.59 -1.18
C GLY B 115 -16.81 -17.81 -2.62
N LYS B 116 -16.30 -16.75 -3.26
CA LYS B 116 -15.85 -16.83 -4.64
C LYS B 116 -14.40 -17.28 -4.70
N SER B 117 -14.09 -18.10 -5.70
CA SER B 117 -12.76 -18.63 -5.88
C SER B 117 -12.15 -18.12 -7.17
N TYR B 118 -10.82 -18.12 -7.19
CA TYR B 118 -10.04 -17.68 -8.33
C TYR B 118 -8.79 -18.54 -8.44
N ASN B 119 -8.44 -18.92 -9.66
CA ASN B 119 -7.18 -19.61 -9.91
C ASN B 119 -6.14 -18.53 -10.17
N LEU B 120 -5.25 -18.34 -9.20
CA LEU B 120 -4.27 -17.26 -9.28
C LEU B 120 -2.99 -17.82 -9.86
N SER B 121 -2.61 -17.34 -11.04
CA SER B 121 -1.31 -17.63 -11.60
C SER B 121 -0.26 -16.90 -10.77
N VAL B 122 0.65 -17.65 -10.18
CA VAL B 122 1.67 -17.09 -9.31
C VAL B 122 3.02 -17.63 -9.75
N LEU B 123 4.01 -16.76 -9.72
CA LEU B 123 5.40 -17.20 -9.78
C LEU B 123 5.99 -16.78 -8.45
N GLY B 124 6.51 -17.74 -7.72
CA GLY B 124 6.97 -17.51 -6.38
C GLY B 124 8.44 -17.85 -6.27
N VAL B 125 9.11 -17.17 -5.39
CA VAL B 125 10.51 -17.43 -5.13
C VAL B 125 10.68 -17.63 -3.64
N PHE B 126 11.50 -18.59 -3.28
CA PHE B 126 11.75 -18.94 -1.91
C PHE B 126 13.25 -18.96 -1.71
N GLN B 127 13.71 -18.28 -0.68
CA GLN B 127 15.08 -18.45 -0.23
C GLN B 127 15.04 -19.31 1.01
N LEU B 128 15.85 -20.34 1.01
CA LEU B 128 15.95 -21.22 2.15
C LEU B 128 17.38 -21.23 2.64
N THR B 129 17.52 -21.20 3.96
CA THR B 129 18.79 -21.35 4.64
C THR B 129 18.61 -22.51 5.59
N GLU B 130 19.43 -23.55 5.43
CA GLU B 130 19.36 -24.72 6.27
C GLU B 130 17.91 -25.20 6.38
N GLY B 131 17.27 -25.30 5.21
CA GLY B 131 15.94 -25.86 5.11
C GLY B 131 14.84 -25.00 5.69
N LYS B 132 15.15 -23.78 6.09
CA LYS B 132 14.13 -22.87 6.60
C LYS B 132 13.97 -21.72 5.61
N ILE B 133 12.73 -21.26 5.47
CA ILE B 133 12.43 -20.19 4.54
C ILE B 133 12.90 -18.87 5.13
N THR B 134 13.88 -18.26 4.50
CA THR B 134 14.33 -16.92 4.85
C THR B 134 13.69 -15.85 3.96
N GLY B 135 13.02 -16.26 2.89
CA GLY B 135 12.33 -15.31 2.07
C GLY B 135 11.32 -16.02 1.21
N TRP B 136 10.12 -15.48 1.14
CA TRP B 136 9.10 -16.01 0.25
C TRP B 136 8.41 -14.83 -0.41
N ARG B 137 8.53 -14.73 -1.71
CA ARG B 137 7.88 -13.66 -2.45
C ARG B 137 7.11 -14.28 -3.60
N ASP B 138 5.82 -14.00 -3.62
CA ASP B 138 4.93 -14.47 -4.66
C ASP B 138 4.58 -13.30 -5.56
N TYR B 139 4.75 -13.48 -6.84
CA TYR B 139 4.45 -12.46 -7.82
C TYR B 139 3.21 -12.88 -8.58
N PHE B 140 2.27 -11.96 -8.67
CA PHE B 140 1.02 -12.23 -9.33
C PHE B 140 0.34 -10.89 -9.48
N ASP B 141 -0.79 -10.89 -10.17
CA ASP B 141 -1.57 -9.69 -10.34
C ASP B 141 -2.71 -9.69 -9.32
N LEU B 142 -2.69 -8.71 -8.42
CA LEU B 142 -3.69 -8.69 -7.36
C LEU B 142 -5.07 -8.34 -7.92
N ARG B 143 -5.14 -7.34 -8.78
CA ARG B 143 -6.45 -6.86 -9.22
C ARG B 143 -7.29 -7.97 -9.83
N GLU B 144 -6.70 -8.78 -10.72
CA GLU B 144 -7.42 -9.90 -11.30
C GLU B 144 -8.05 -10.77 -10.22
N PHE B 145 -7.28 -11.04 -9.16
CA PHE B 145 -7.79 -11.79 -8.03
C PHE B 145 -8.89 -11.03 -7.31
N GLU B 146 -8.61 -9.78 -6.93
CA GLU B 146 -9.60 -8.96 -6.25
C GLU B 146 -10.91 -8.93 -7.02
N GLU B 147 -10.84 -8.68 -8.33
CA GLU B 147 -12.06 -8.58 -9.11
C GLU B 147 -12.75 -9.92 -9.29
N ALA B 148 -11.98 -11.00 -9.42
CA ALA B 148 -12.60 -12.31 -9.57
C ALA B 148 -13.37 -12.72 -8.32
N VAL B 149 -12.93 -12.28 -7.14
CA VAL B 149 -13.51 -12.75 -5.89
C VAL B 149 -14.22 -11.61 -5.15
N ASP B 150 -14.44 -10.47 -5.80
CA ASP B 150 -15.11 -9.33 -5.18
C ASP B 150 -14.52 -9.01 -3.82
N LEU B 151 -13.19 -9.02 -3.73
CA LEU B 151 -12.49 -8.81 -2.45
C LEU B 151 -11.32 -7.88 -2.68
N PRO B 152 -11.48 -6.56 -2.43
CA PRO B 152 -10.38 -5.62 -2.63
C PRO B 152 -9.31 -5.74 -1.55
N LEU B 153 -8.30 -6.59 -1.77
CA LEU B 153 -7.32 -6.86 -0.73
C LEU B 153 -6.35 -5.72 -0.48
N ARG B 154 -6.31 -4.73 -1.36
CA ARG B 154 -5.27 -3.71 -1.28
C ARG B 154 -5.79 -2.46 -0.57
N ILE C 11 -9.76 8.70 -8.63
CA ILE C 11 -9.92 8.57 -7.19
C ILE C 11 -11.38 8.29 -6.83
N GLU C 12 -11.67 7.04 -6.50
CA GLU C 12 -13.04 6.65 -6.17
C GLU C 12 -13.50 7.35 -4.90
N GLN C 13 -14.78 7.71 -4.88
CA GLN C 13 -15.37 8.30 -3.68
C GLN C 13 -15.46 7.25 -2.58
N PRO C 14 -14.96 7.53 -1.39
CA PRO C 14 -15.17 6.59 -0.28
C PRO C 14 -16.65 6.34 -0.06
N ARG C 15 -16.94 5.12 0.40
CA ARG C 15 -18.30 4.77 0.77
C ARG C 15 -18.86 5.77 1.78
N TRP C 16 -18.03 6.29 2.66
CA TRP C 16 -18.50 7.18 3.70
C TRP C 16 -18.51 8.64 3.27
N ALA C 17 -18.02 8.95 2.06
CA ALA C 17 -18.00 10.33 1.62
C ALA C 17 -19.41 10.89 1.55
N SER C 18 -19.57 12.12 2.01
CA SER C 18 -20.82 12.83 1.83
C SER C 18 -21.13 12.90 0.33
N LYS C 19 -22.40 12.66 -0.02
CA LYS C 19 -22.81 12.90 -1.38
C LYS C 19 -23.46 14.25 -1.55
N ASP C 20 -23.47 15.05 -0.48
CA ASP C 20 -23.83 16.45 -0.56
C ASP C 20 -22.74 17.17 -1.36
N SER C 21 -23.08 17.59 -2.58
CA SER C 21 -22.05 18.22 -3.40
C SER C 21 -21.51 19.49 -2.75
N ALA C 22 -22.19 20.05 -1.76
CA ALA C 22 -21.62 21.18 -1.05
C ALA C 22 -20.46 20.76 -0.17
N ALA C 23 -20.42 19.49 0.24
CA ALA C 23 -19.49 19.08 1.29
C ALA C 23 -18.05 19.10 0.83
N GLY C 24 -17.80 18.80 -0.42
CA GLY C 24 -16.45 18.92 -0.94
C GLY C 24 -16.14 20.25 -1.58
N ALA C 25 -17.07 21.20 -1.55
CA ALA C 25 -16.90 22.47 -2.21
C ALA C 25 -16.59 23.53 -1.18
N ALA C 26 -15.73 24.48 -1.56
CA ALA C 26 -15.42 25.59 -0.70
C ALA C 26 -16.63 26.52 -0.63
N SER C 27 -17.02 26.89 0.57
CA SER C 27 -18.10 27.85 0.76
C SER C 27 -17.59 29.17 1.33
N THR C 28 -16.30 29.31 1.57
CA THR C 28 -15.72 30.51 2.14
C THR C 28 -14.46 30.83 1.39
N PRO C 29 -14.03 32.09 1.39
CA PRO C 29 -12.73 32.42 0.80
C PRO C 29 -11.62 31.51 1.29
N ASP C 30 -11.58 31.21 2.59
CA ASP C 30 -10.50 30.41 3.16
C ASP C 30 -10.55 28.98 2.65
N GLU C 31 -11.74 28.39 2.63
CA GLU C 31 -11.87 27.06 2.03
C GLU C 31 -11.46 27.07 0.57
N LYS C 32 -11.83 28.12 -0.16
CA LYS C 32 -11.44 28.21 -1.55
C LYS C 32 -9.92 28.24 -1.68
N ILE C 33 -9.26 29.01 -0.80
CA ILE C 33 -7.81 29.08 -0.82
C ILE C 33 -7.23 27.71 -0.57
N VAL C 34 -7.77 27.00 0.42
CA VAL C 34 -7.26 25.68 0.75
C VAL C 34 -7.41 24.75 -0.45
N LEU C 35 -8.58 24.77 -1.11
CA LEU C 35 -8.76 23.91 -2.27
C LEU C 35 -7.85 24.32 -3.41
N GLU C 36 -7.65 25.63 -3.60
CA GLU C 36 -6.66 26.04 -4.56
C GLU C 36 -5.30 25.51 -4.16
N PHE C 37 -4.97 25.64 -2.87
CA PHE C 37 -3.70 25.11 -2.40
C PHE C 37 -3.59 23.61 -2.66
N MET C 38 -4.65 22.86 -2.35
CA MET C 38 -4.63 21.43 -2.62
C MET C 38 -4.30 21.15 -4.08
N ASP C 39 -4.90 21.92 -4.98
CA ASP C 39 -4.58 21.79 -6.40
CA ASP C 39 -4.58 21.78 -6.40
C ASP C 39 -3.14 22.20 -6.67
N ALA C 40 -2.70 23.31 -6.06
CA ALA C 40 -1.32 23.76 -6.25
C ALA C 40 -0.31 22.72 -5.80
N LEU C 41 -0.68 21.91 -4.79
CA LEU C 41 0.27 20.93 -4.26
C LEU C 41 0.84 20.05 -5.35
N THR C 42 0.06 19.75 -6.38
CA THR C 42 0.55 18.87 -7.44
C THR C 42 1.67 19.49 -8.24
N SER C 43 1.97 20.77 -8.02
CA SER C 43 3.18 21.35 -8.58
C SER C 43 4.43 20.75 -7.99
N ASN C 44 4.35 20.21 -6.78
CA ASN C 44 5.54 19.72 -6.10
C ASN C 44 6.59 20.79 -6.04
N ASP C 45 6.15 22.04 -5.95
CA ASP C 45 7.03 23.17 -6.13
C ASP C 45 6.94 24.00 -4.86
N ALA C 46 7.78 23.63 -3.88
CA ALA C 46 7.74 24.30 -2.59
C ALA C 46 7.99 25.80 -2.73
N ALA C 47 8.92 26.17 -3.61
CA ALA C 47 9.25 27.57 -3.78
C ALA C 47 8.04 28.37 -4.23
N LYS C 48 7.17 27.73 -4.99
CA LYS C 48 5.93 28.38 -5.45
C LYS C 48 4.86 28.21 -4.39
N LEU C 49 4.76 27.01 -3.81
CA LEU C 49 3.69 26.74 -2.87
C LEU C 49 3.82 27.59 -1.62
N ILE C 50 5.04 27.96 -1.25
CA ILE C 50 5.23 28.66 0.00
C ILE C 50 4.56 30.01 -0.04
N GLU C 51 4.25 30.52 -1.22
CA GLU C 51 3.54 31.81 -1.37
C GLU C 51 2.21 31.75 -0.61
N TYR C 52 1.66 30.55 -0.45
CA TYR C 52 0.41 30.38 0.26
C TYR C 52 0.55 30.62 1.76
N PHE C 53 1.76 30.62 2.28
CA PHE C 53 1.98 30.59 3.72
C PHE C 53 2.35 31.96 4.23
N ALA C 54 1.85 32.27 5.41
CA ALA C 54 2.30 33.45 6.13
C ALA C 54 3.71 33.22 6.65
N GLU C 55 4.36 34.32 7.02
CA GLU C 55 5.67 34.19 7.65
C GLU C 55 5.58 33.36 8.92
N ASP C 56 4.63 33.70 9.78
CA ASP C 56 4.40 32.95 11.02
CA ASP C 56 4.40 32.95 11.02
C ASP C 56 3.46 31.82 10.68
N THR C 57 4.00 30.66 10.42
CA THR C 57 3.22 29.55 9.90
C THR C 57 3.82 28.27 10.41
N MET C 58 3.10 27.19 10.17
CA MET C 58 3.69 25.90 10.48
C MET C 58 3.08 24.90 9.54
N PHE C 59 3.82 23.83 9.35
CA PHE C 59 3.36 22.72 8.55
C PHE C 59 3.73 21.49 9.31
N GLN C 60 2.80 20.56 9.40
CA GLN C 60 3.16 19.25 9.90
C GLN C 60 2.32 18.20 9.22
N ALA C 61 2.98 17.36 8.45
CA ALA C 61 2.49 16.01 8.22
C ALA C 61 2.62 15.30 9.56
N MET C 62 1.49 15.08 10.24
CA MET C 62 1.54 14.77 11.67
C MET C 62 2.42 13.57 12.02
N PRO C 63 2.58 12.55 11.16
CA PRO C 63 3.51 11.48 11.52
C PRO C 63 4.96 11.91 11.52
N LEU C 64 5.24 13.12 11.08
CA LEU C 64 6.59 13.62 10.88
C LEU C 64 6.74 14.92 11.65
N PRO C 65 7.99 15.34 11.90
CA PRO C 65 8.20 16.49 12.77
C PRO C 65 7.65 17.74 12.12
N PRO C 66 7.15 18.66 12.93
CA PRO C 66 6.56 19.89 12.39
C PRO C 66 7.65 20.80 11.85
N ALA C 67 7.22 21.68 10.96
CA ALA C 67 8.04 22.78 10.46
C ALA C 67 7.39 24.08 10.89
N TYR C 68 8.13 24.91 11.62
CA TYR C 68 7.61 26.17 12.13
C TYR C 68 8.29 27.33 11.44
N GLY C 69 7.50 28.31 11.00
CA GLY C 69 8.04 29.39 10.21
C GLY C 69 8.09 29.06 8.73
N ARG C 70 7.92 30.11 7.92
CA ARG C 70 7.75 29.93 6.49
C ARG C 70 8.94 29.22 5.87
N ASP C 71 10.17 29.62 6.23
CA ASP C 71 11.35 28.96 5.68
CA ASP C 71 11.36 28.96 5.69
C ASP C 71 11.34 27.48 6.01
N ALA C 72 11.10 27.14 7.28
CA ALA C 72 11.02 25.73 7.64
C ALA C 72 9.97 25.03 6.80
N VAL C 73 8.81 25.66 6.65
CA VAL C 73 7.75 25.03 5.86
C VAL C 73 8.23 24.81 4.44
N GLU C 74 8.80 25.84 3.84
CA GLU C 74 9.28 25.70 2.47
C GLU C 74 10.35 24.60 2.37
N GLN C 75 11.30 24.59 3.30
CA GLN C 75 12.36 23.58 3.22
C GLN C 75 11.81 22.19 3.49
N THR C 76 10.83 22.10 4.39
CA THR C 76 10.25 20.80 4.68
C THR C 76 9.44 20.31 3.48
N LEU C 77 8.62 21.18 2.90
CA LEU C 77 7.92 20.81 1.68
C LEU C 77 8.92 20.45 0.60
N ALA C 78 9.94 21.27 0.42
CA ALA C 78 10.91 21.00 -0.62
C ALA C 78 11.54 19.63 -0.42
N GLY C 79 11.88 19.31 0.83
CA GLY C 79 12.42 18.00 1.13
C GLY C 79 11.49 16.89 0.73
N LEU C 80 10.22 17.00 1.13
CA LEU C 80 9.23 16.03 0.71
C LEU C 80 9.21 15.90 -0.81
N PHE C 81 9.23 17.03 -1.52
CA PHE C 81 9.09 16.94 -2.95
C PHE C 81 10.32 16.37 -3.64
N THR C 82 11.45 16.23 -2.94
CA THR C 82 12.58 15.54 -3.54
C THR C 82 12.38 14.03 -3.54
N VAL C 83 11.50 13.52 -2.68
CA VAL C 83 11.28 12.09 -2.61
C VAL C 83 9.89 11.69 -3.06
N MET C 84 8.93 12.60 -3.11
CA MET C 84 7.59 12.21 -3.49
C MET C 84 6.97 13.27 -4.37
N SER C 85 6.08 12.83 -5.24
CA SER C 85 5.21 13.68 -6.01
C SER C 85 3.82 13.60 -5.41
N ILE C 86 3.18 14.75 -5.23
CA ILE C 86 1.75 14.82 -5.01
C ILE C 86 1.12 14.87 -6.39
N ASP C 87 0.55 13.74 -6.84
CA ASP C 87 0.01 13.67 -8.19
C ASP C 87 -1.41 14.19 -8.28
N ALA C 88 -2.17 14.04 -7.22
CA ALA C 88 -3.52 14.57 -7.19
C ALA C 88 -3.93 14.68 -5.75
N VAL C 89 -4.81 15.63 -5.48
CA VAL C 89 -5.44 15.77 -4.19
C VAL C 89 -6.93 15.83 -4.42
N GLU C 90 -7.65 14.86 -3.89
CA GLU C 90 -9.09 14.84 -3.98
C GLU C 90 -9.63 15.13 -2.60
N THR C 91 -10.43 16.17 -2.48
CA THR C 91 -10.97 16.58 -1.21
C THR C 91 -12.44 16.18 -1.18
N PHE C 92 -12.76 15.19 -0.36
CA PHE C 92 -14.14 14.73 -0.24
C PHE C 92 -14.94 15.69 0.59
N HIS C 93 -14.34 16.20 1.66
CA HIS C 93 -15.05 17.04 2.60
C HIS C 93 -14.14 18.20 2.91
N ILE C 94 -14.70 19.39 2.89
CA ILE C 94 -14.02 20.56 3.39
C ILE C 94 -15.02 21.32 4.24
N GLY C 95 -14.58 21.76 5.42
CA GLY C 95 -15.42 22.54 6.30
C GLY C 95 -14.52 23.49 7.05
N SER C 96 -15.14 24.41 7.77
CA SER C 96 -14.31 25.37 8.46
C SER C 96 -15.09 25.96 9.62
N SER C 97 -14.36 26.34 10.65
CA SER C 97 -14.89 27.13 11.75
C SER C 97 -13.71 27.74 12.47
N ASN C 98 -13.91 28.94 13.00
CA ASN C 98 -12.94 29.56 13.88
C ASN C 98 -11.62 29.82 13.17
N GLY C 99 -11.67 30.03 11.85
CA GLY C 99 -10.46 30.25 11.11
C GLY C 99 -9.68 29.00 10.80
N LEU C 100 -10.28 27.84 11.00
CA LEU C 100 -9.67 26.56 10.66
C LEU C 100 -10.48 25.93 9.53
N VAL C 101 -9.78 25.49 8.50
CA VAL C 101 -10.38 24.72 7.43
C VAL C 101 -9.92 23.28 7.56
N TYR C 102 -10.86 22.37 7.39
CA TYR C 102 -10.59 20.95 7.47
C TYR C 102 -10.85 20.35 6.11
N THR C 103 -9.95 19.49 5.68
CA THR C 103 -10.09 18.79 4.40
C THR C 103 -9.93 17.32 4.68
N GLU C 104 -10.94 16.54 4.33
CA GLU C 104 -10.78 15.10 4.28
C GLU C 104 -10.54 14.72 2.83
N ARG C 105 -9.38 14.12 2.57
CA ARG C 105 -8.89 14.01 1.21
C ARG C 105 -8.26 12.65 0.98
N VAL C 106 -8.03 12.35 -0.28
CA VAL C 106 -7.02 11.40 -0.69
C VAL C 106 -5.95 12.18 -1.42
N ASP C 107 -4.71 11.92 -1.04
CA ASP C 107 -3.58 12.49 -1.77
C ASP C 107 -2.99 11.34 -2.57
N VAL C 108 -2.98 11.49 -3.88
CA VAL C 108 -2.30 10.51 -4.70
C VAL C 108 -0.82 10.88 -4.66
N LEU C 109 -0.03 10.04 -4.00
CA LEU C 109 1.38 10.29 -3.77
C LEU C 109 2.18 9.28 -4.55
N ARG C 110 3.29 9.73 -5.11
CA ARG C 110 4.16 8.84 -5.85
C ARG C 110 5.55 8.99 -5.28
N ALA C 111 6.14 7.87 -4.89
CA ALA C 111 7.53 7.86 -4.47
C ALA C 111 8.41 8.06 -5.70
N LEU C 112 9.25 9.07 -5.66
CA LEU C 112 10.05 9.40 -6.83
C LEU C 112 11.11 8.33 -7.14
N PRO C 113 11.78 7.77 -6.14
CA PRO C 113 12.81 6.76 -6.46
C PRO C 113 12.28 5.59 -7.26
N THR C 114 11.04 5.17 -7.01
CA THR C 114 10.47 3.99 -7.63
C THR C 114 9.27 4.27 -8.49
N GLY C 115 8.65 5.44 -8.38
CA GLY C 115 7.41 5.69 -9.04
C GLY C 115 6.21 5.01 -8.40
N LYS C 116 6.40 4.28 -7.30
CA LYS C 116 5.27 3.64 -6.66
C LYS C 116 4.28 4.69 -6.18
N SER C 117 3.00 4.41 -6.37
CA SER C 117 1.94 5.38 -6.14
C SER C 117 1.03 4.87 -5.03
N TYR C 118 0.48 5.80 -4.26
CA TYR C 118 -0.39 5.40 -3.16
C TYR C 118 -1.45 6.46 -2.93
N ASN C 119 -2.68 6.02 -2.76
CA ASN C 119 -3.78 6.91 -2.40
C ASN C 119 -3.79 7.02 -0.88
N LEU C 120 -3.32 8.16 -0.39
CA LEU C 120 -3.17 8.39 1.03
C LEU C 120 -4.42 9.08 1.56
N SER C 121 -5.11 8.42 2.50
CA SER C 121 -6.25 9.04 3.17
C SER C 121 -5.71 10.05 4.18
N VAL C 122 -6.14 11.29 4.04
CA VAL C 122 -5.62 12.36 4.86
C VAL C 122 -6.79 13.16 5.38
N LEU C 123 -6.70 13.57 6.62
CA LEU C 123 -7.58 14.57 7.18
C LEU C 123 -6.64 15.69 7.62
N GLY C 124 -6.81 16.85 7.02
CA GLY C 124 -5.89 17.91 7.32
C GLY C 124 -6.66 19.10 7.81
N VAL C 125 -5.96 19.97 8.51
CA VAL C 125 -6.56 21.21 8.98
C VAL C 125 -5.65 22.33 8.52
N PHE C 126 -6.26 23.44 8.14
CA PHE C 126 -5.51 24.59 7.74
C PHE C 126 -5.95 25.77 8.57
N GLN C 127 -5.00 26.54 9.04
CA GLN C 127 -5.25 27.81 9.71
CA GLN C 127 -5.29 27.82 9.68
C GLN C 127 -4.89 28.92 8.73
N LEU C 128 -5.83 29.76 8.39
CA LEU C 128 -5.56 30.88 7.50
C LEU C 128 -5.74 32.18 8.25
N THR C 129 -4.83 33.10 7.99
CA THR C 129 -4.95 34.46 8.49
C THR C 129 -4.70 35.36 7.31
N GLU C 130 -5.66 36.23 7.01
CA GLU C 130 -5.53 37.16 5.89
C GLU C 130 -5.18 36.40 4.61
N GLY C 131 -5.88 35.29 4.41
CA GLY C 131 -5.73 34.49 3.21
C GLY C 131 -4.41 33.76 3.08
N LYS C 132 -3.61 33.71 4.13
CA LYS C 132 -2.33 33.04 4.09
C LYS C 132 -2.34 31.89 5.09
N ILE C 133 -1.72 30.77 4.71
CA ILE C 133 -1.71 29.63 5.61
C ILE C 133 -0.77 29.90 6.77
N THR C 134 -1.32 29.93 7.98
CA THR C 134 -0.52 30.01 9.19
C THR C 134 -0.37 28.67 9.87
N GLY C 135 -1.09 27.66 9.38
CA GLY C 135 -0.99 26.34 9.96
C GLY C 135 -1.53 25.35 8.97
N TRP C 136 -0.80 24.27 8.76
CA TRP C 136 -1.27 23.18 7.91
C TRP C 136 -0.80 21.90 8.58
N ARG C 137 -1.75 21.12 9.06
CA ARG C 137 -1.45 19.85 9.69
C ARG C 137 -2.26 18.77 8.99
N ASP C 138 -1.55 17.82 8.39
CA ASP C 138 -2.17 16.70 7.71
C ASP C 138 -2.03 15.47 8.58
N TYR C 139 -3.16 14.83 8.83
CA TYR C 139 -3.21 13.64 9.65
C TYR C 139 -3.41 12.42 8.78
N PHE C 140 -2.59 11.43 8.98
CA PHE C 140 -2.68 10.22 8.17
C PHE C 140 -1.76 9.21 8.80
N ASP C 141 -1.83 8.00 8.29
CA ASP C 141 -0.95 6.93 8.75
C ASP C 141 0.24 6.87 7.80
N LEU C 142 1.42 7.08 8.34
CA LEU C 142 2.61 7.14 7.50
C LEU C 142 3.03 5.75 7.06
N ARG C 143 2.92 4.77 7.95
CA ARG C 143 3.39 3.43 7.63
C ARG C 143 2.67 2.87 6.41
N GLU C 144 1.36 3.05 6.35
CA GLU C 144 0.61 2.59 5.19
C GLU C 144 1.25 3.15 3.93
N PHE C 145 1.57 4.44 3.95
CA PHE C 145 2.22 5.06 2.81
C PHE C 145 3.60 4.45 2.59
N GLU C 146 4.41 4.38 3.64
CA GLU C 146 5.77 3.86 3.48
C GLU C 146 5.77 2.46 2.91
N GLU C 147 4.89 1.60 3.41
CA GLU C 147 4.90 0.21 2.95
C GLU C 147 4.34 0.08 1.54
N ALA C 148 3.38 0.93 1.18
CA ALA C 148 2.83 0.87 -0.16
C ALA C 148 3.89 1.26 -1.19
N VAL C 149 4.64 2.33 -0.91
CA VAL C 149 5.52 2.90 -1.89
C VAL C 149 6.97 2.60 -1.58
N ASP C 150 7.22 1.77 -0.57
CA ASP C 150 8.58 1.31 -0.27
C ASP C 150 9.52 2.49 -0.05
N LEU C 151 8.97 3.58 0.48
CA LEU C 151 9.73 4.79 0.75
C LEU C 151 9.85 4.99 2.25
N PRO C 152 11.05 4.86 2.83
CA PRO C 152 11.19 5.06 4.28
C PRO C 152 11.27 6.55 4.58
N LEU C 153 10.24 7.07 5.25
CA LEU C 153 10.25 8.47 5.66
C LEU C 153 10.51 8.61 7.15
N ARG C 154 10.45 7.51 7.88
CA ARG C 154 10.70 7.50 9.33
C ARG C 154 11.38 6.19 9.71
N GLY C 155 12.47 6.26 10.50
CA GLY C 155 13.16 5.04 10.96
C GLY C 155 12.25 4.21 11.84
N LYS D 10 0.00 16.51 31.64
CA LYS D 10 -0.43 15.25 31.03
C LYS D 10 -0.48 15.40 29.52
N ILE D 11 -1.33 16.32 29.06
CA ILE D 11 -1.49 16.61 27.64
C ILE D 11 -0.67 17.87 27.35
N GLU D 12 0.38 17.71 26.57
CA GLU D 12 1.15 18.85 26.06
C GLU D 12 0.29 19.59 25.04
N GLN D 13 -0.22 20.76 25.40
CA GLN D 13 -0.92 21.58 24.44
C GLN D 13 0.03 21.92 23.29
N PRO D 14 -0.25 21.49 22.07
CA PRO D 14 0.67 21.79 20.97
C PRO D 14 0.84 23.29 20.82
N ARG D 15 2.04 23.67 20.39
CA ARG D 15 2.33 25.06 20.13
C ARG D 15 1.26 25.70 19.25
N TRP D 16 0.77 24.97 18.24
CA TRP D 16 -0.18 25.50 17.28
C TRP D 16 -1.62 25.44 17.78
N ALA D 17 -1.90 24.70 18.86
CA ALA D 17 -3.27 24.57 19.32
C ALA D 17 -3.79 25.93 19.73
N SER D 18 -5.07 26.17 19.46
CA SER D 18 -5.63 27.48 19.76
C SER D 18 -5.40 27.85 21.22
N LYS D 19 -4.94 29.08 21.44
CA LYS D 19 -4.86 29.64 22.77
C LYS D 19 -6.19 30.18 23.24
N ASP D 20 -7.18 30.19 22.37
CA ASP D 20 -8.54 30.62 22.66
C ASP D 20 -9.39 29.37 22.63
N SER D 21 -9.88 28.96 23.80
CA SER D 21 -10.65 27.74 23.91
C SER D 21 -11.95 27.80 23.10
N ALA D 22 -12.37 28.98 22.64
CA ALA D 22 -13.51 29.03 21.74
C ALA D 22 -13.26 28.14 20.52
N ALA D 23 -12.00 27.97 20.12
CA ALA D 23 -11.71 27.15 18.94
C ALA D 23 -12.13 25.70 19.17
N GLY D 24 -12.11 25.24 20.40
CA GLY D 24 -12.51 23.89 20.71
C GLY D 24 -13.89 23.78 21.28
N ALA D 25 -14.63 24.89 21.35
CA ALA D 25 -15.95 24.88 21.94
C ALA D 25 -17.00 24.64 20.87
N ALA D 26 -17.97 23.78 21.18
CA ALA D 26 -19.07 23.53 20.27
C ALA D 26 -19.82 24.82 20.00
N SER D 27 -20.14 25.04 18.75
CA SER D 27 -20.98 26.16 18.34
C SER D 27 -22.27 25.70 17.72
N THR D 28 -22.50 24.39 17.62
CA THR D 28 -23.68 23.84 16.98
C THR D 28 -24.14 22.63 17.77
N PRO D 29 -25.39 22.19 17.56
CA PRO D 29 -25.83 20.95 18.22
C PRO D 29 -24.98 19.75 17.84
N ASP D 30 -24.61 19.63 16.56
CA ASP D 30 -23.73 18.53 16.15
C ASP D 30 -22.39 18.60 16.87
N GLU D 31 -21.80 19.79 16.93
CA GLU D 31 -20.51 19.91 17.58
C GLU D 31 -20.63 19.58 19.06
N LYS D 32 -21.73 20.00 19.68
CA LYS D 32 -21.94 19.68 21.08
C LYS D 32 -22.01 18.16 21.28
N ILE D 33 -22.74 17.47 20.42
CA ILE D 33 -22.83 16.02 20.49
C ILE D 33 -21.44 15.42 20.35
N VAL D 34 -20.69 15.89 19.37
CA VAL D 34 -19.37 15.33 19.13
C VAL D 34 -18.50 15.53 20.36
N LEU D 35 -18.52 16.72 20.96
CA LEU D 35 -17.73 16.95 22.16
C LEU D 35 -18.21 16.08 23.31
N GLU D 36 -19.53 15.91 23.45
CA GLU D 36 -20.05 14.98 24.45
C GLU D 36 -19.58 13.57 24.14
N PHE D 37 -19.56 13.20 22.86
CA PHE D 37 -19.08 11.89 22.46
C PHE D 37 -17.60 11.75 22.81
N MET D 38 -16.81 12.78 22.51
CA MET D 38 -15.40 12.77 22.90
C MET D 38 -15.26 12.54 24.40
N ASP D 39 -16.05 13.26 25.20
CA ASP D 39 -15.99 13.03 26.64
C ASP D 39 -16.39 11.60 26.97
N ALA D 40 -17.41 11.10 26.28
CA ALA D 40 -17.89 9.76 26.55
C ALA D 40 -16.84 8.70 26.22
N LEU D 41 -15.92 9.02 25.32
CA LEU D 41 -14.95 8.01 24.88
C LEU D 41 -14.14 7.48 26.04
N THR D 42 -13.90 8.29 27.07
CA THR D 42 -13.12 7.83 28.21
C THR D 42 -13.87 6.81 29.03
N SER D 43 -15.15 6.58 28.74
CA SER D 43 -15.84 5.46 29.37
C SER D 43 -15.24 4.13 28.93
N ASN D 44 -14.56 4.10 27.79
CA ASN D 44 -14.05 2.85 27.24
C ASN D 44 -15.17 1.82 27.12
N ASP D 45 -16.39 2.31 26.90
CA ASP D 45 -17.62 1.53 27.01
C ASP D 45 -18.29 1.55 25.64
N ALA D 46 -18.00 0.52 24.84
CA ALA D 46 -18.55 0.44 23.49
C ALA D 46 -20.08 0.44 23.51
N ALA D 47 -20.67 -0.21 24.51
CA ALA D 47 -22.12 -0.23 24.62
C ALA D 47 -22.68 1.17 24.89
N LYS D 48 -22.05 1.90 25.80
CA LYS D 48 -22.43 3.30 26.00
C LYS D 48 -22.16 4.11 24.73
N LEU D 49 -20.98 3.93 24.13
CA LEU D 49 -20.63 4.79 22.99
C LEU D 49 -21.52 4.53 21.79
N ILE D 50 -21.93 3.28 21.56
CA ILE D 50 -22.69 3.02 20.35
C ILE D 50 -24.01 3.78 20.33
N GLU D 51 -24.49 4.21 21.50
CA GLU D 51 -25.74 4.95 21.56
C GLU D 51 -25.68 6.21 20.72
N TYR D 52 -24.49 6.77 20.54
CA TYR D 52 -24.29 7.96 19.73
C TYR D 52 -24.44 7.72 18.24
N PHE D 53 -24.53 6.47 17.80
CA PHE D 53 -24.43 6.18 16.38
C PHE D 53 -25.79 5.88 15.80
N ALA D 54 -26.03 6.39 14.59
CA ALA D 54 -27.14 5.92 13.80
C ALA D 54 -26.92 4.46 13.41
N GLU D 55 -28.01 3.79 13.03
CA GLU D 55 -27.91 2.41 12.58
C GLU D 55 -27.03 2.32 11.34
N ASP D 56 -27.25 3.20 10.37
CA ASP D 56 -26.44 3.29 9.16
C ASP D 56 -25.29 4.23 9.47
N THR D 57 -24.15 3.66 9.80
CA THR D 57 -23.06 4.45 10.34
C THR D 57 -21.79 3.74 9.97
N MET D 58 -20.67 4.40 10.24
CA MET D 58 -19.40 3.73 10.05
C MET D 58 -18.41 4.36 10.99
N PHE D 59 -17.39 3.60 11.31
CA PHE D 59 -16.31 4.11 12.12
C PHE D 59 -15.03 3.60 11.51
N GLN D 60 -14.02 4.45 11.51
CA GLN D 60 -12.72 4.00 11.09
C GLN D 60 -11.68 4.85 11.79
N ALA D 61 -10.94 4.20 12.68
CA ALA D 61 -9.58 4.67 12.95
C ALA D 61 -8.80 4.39 11.68
N MET D 62 -8.44 5.47 10.96
CA MET D 62 -8.10 5.30 9.56
C MET D 62 -6.94 4.35 9.30
N PRO D 63 -5.98 4.13 10.20
CA PRO D 63 -4.97 3.10 9.97
C PRO D 63 -5.51 1.69 10.04
N LEU D 64 -6.73 1.49 10.49
CA LEU D 64 -7.33 0.18 10.68
C LEU D 64 -8.58 0.05 9.82
N PRO D 65 -9.07 -1.17 9.62
CA PRO D 65 -10.20 -1.36 8.71
C PRO D 65 -11.43 -0.64 9.23
N PRO D 66 -12.26 -0.11 8.33
CA PRO D 66 -13.48 0.55 8.77
C PRO D 66 -14.51 -0.46 9.28
N ALA D 67 -15.38 0.02 10.15
CA ALA D 67 -16.54 -0.75 10.57
C ALA D 67 -17.78 -0.08 10.01
N TYR D 68 -18.62 -0.85 9.33
CA TYR D 68 -19.82 -0.33 8.73
C TYR D 68 -21.03 -0.94 9.43
N GLY D 69 -21.98 -0.09 9.79
CA GLY D 69 -23.12 -0.54 10.54
C GLY D 69 -22.87 -0.43 12.01
N ARG D 70 -23.91 -0.08 12.75
CA ARG D 70 -23.78 0.13 14.19
C ARG D 70 -23.17 -1.09 14.89
N ASP D 71 -23.59 -2.30 14.51
CA ASP D 71 -23.06 -3.48 15.18
CA ASP D 71 -23.07 -3.48 15.16
C ASP D 71 -21.56 -3.61 14.95
N ALA D 72 -21.11 -3.45 13.71
CA ALA D 72 -19.69 -3.56 13.42
C ALA D 72 -18.91 -2.48 14.13
N VAL D 73 -19.45 -1.26 14.18
CA VAL D 73 -18.82 -0.18 14.93
C VAL D 73 -18.69 -0.56 16.39
N GLU D 74 -19.80 -1.01 16.98
CA GLU D 74 -19.74 -1.37 18.40
C GLU D 74 -18.70 -2.44 18.64
N GLN D 75 -18.70 -3.49 17.83
CA GLN D 75 -17.72 -4.56 18.02
C GLN D 75 -16.31 -4.02 17.85
N THR D 76 -16.10 -3.16 16.85
CA THR D 76 -14.78 -2.60 16.66
C THR D 76 -14.37 -1.77 17.87
N LEU D 77 -15.26 -0.90 18.34
CA LEU D 77 -14.95 -0.13 19.54
C LEU D 77 -14.66 -1.06 20.70
N ALA D 78 -15.53 -2.04 20.92
CA ALA D 78 -15.30 -2.99 22.01
C ALA D 78 -13.92 -3.63 21.87
N GLY D 79 -13.59 -4.06 20.65
CA GLY D 79 -12.27 -4.65 20.44
C GLY D 79 -11.14 -3.72 20.84
N LEU D 80 -11.25 -2.45 20.46
CA LEU D 80 -10.21 -1.50 20.83
C LEU D 80 -10.11 -1.37 22.34
N PHE D 81 -11.25 -1.31 23.03
CA PHE D 81 -11.24 -1.12 24.46
C PHE D 81 -10.81 -2.35 25.23
N THR D 82 -10.71 -3.51 24.59
CA THR D 82 -10.10 -4.64 25.31
C THR D 82 -8.62 -4.39 25.54
N VAL D 83 -7.97 -3.63 24.66
CA VAL D 83 -6.53 -3.42 24.76
C VAL D 83 -6.16 -1.99 25.12
N MET D 84 -7.02 -1.01 24.86
CA MET D 84 -6.65 0.34 25.16
CA MET D 84 -6.70 0.38 25.08
C MET D 84 -7.76 1.05 25.93
N SER D 85 -7.33 1.95 26.80
CA SER D 85 -8.21 2.86 27.49
C SER D 85 -7.99 4.24 26.90
N ILE D 86 -9.08 4.94 26.61
CA ILE D 86 -9.01 6.35 26.28
C ILE D 86 -9.10 7.08 27.62
N ASP D 87 -7.94 7.52 28.10
CA ASP D 87 -7.88 8.18 29.40
C ASP D 87 -8.34 9.62 29.33
N ALA D 88 -8.06 10.30 28.23
CA ALA D 88 -8.57 11.65 28.09
C ALA D 88 -8.68 11.96 26.61
N VAL D 89 -9.60 12.85 26.28
CA VAL D 89 -9.69 13.37 24.92
C VAL D 89 -9.71 14.88 25.04
N GLU D 90 -8.66 15.47 24.50
CA GLU D 90 -8.58 16.93 24.49
C GLU D 90 -8.82 17.38 23.05
N THR D 91 -9.92 18.08 22.84
CA THR D 91 -10.23 18.59 21.51
C THR D 91 -9.79 20.05 21.47
N PHE D 92 -8.69 20.30 20.76
CA PHE D 92 -8.22 21.67 20.61
C PHE D 92 -9.17 22.47 19.74
N HIS D 93 -9.57 21.89 18.62
CA HIS D 93 -10.32 22.60 17.61
C HIS D 93 -11.48 21.75 17.18
N ILE D 94 -12.64 22.37 17.11
CA ILE D 94 -13.80 21.70 16.57
C ILE D 94 -14.43 22.67 15.57
N GLY D 95 -14.83 22.12 14.44
CA GLY D 95 -15.51 22.91 13.43
C GLY D 95 -16.44 21.99 12.70
N SER D 96 -17.23 22.55 11.79
CA SER D 96 -18.17 21.74 11.06
C SER D 96 -18.66 22.50 9.84
N SER D 97 -19.07 21.74 8.84
CA SER D 97 -19.79 22.24 7.69
C SER D 97 -20.48 21.05 7.08
N ASN D 98 -21.70 21.26 6.60
CA ASN D 98 -22.36 20.28 5.74
C ASN D 98 -22.61 18.97 6.48
N GLY D 99 -22.88 19.05 7.77
CA GLY D 99 -23.14 17.84 8.53
C GLY D 99 -21.90 17.05 8.88
N LEU D 100 -20.72 17.60 8.68
CA LEU D 100 -19.49 17.00 9.15
C LEU D 100 -18.92 17.86 10.26
N VAL D 101 -18.51 17.21 11.34
CA VAL D 101 -17.80 17.90 12.41
C VAL D 101 -16.37 17.42 12.40
N TYR D 102 -15.44 18.34 12.62
CA TYR D 102 -14.03 18.03 12.65
C TYR D 102 -13.52 18.35 14.03
N THR D 103 -12.69 17.47 14.57
CA THR D 103 -12.09 17.67 15.88
C THR D 103 -10.60 17.42 15.72
N GLU D 104 -9.79 18.42 16.03
CA GLU D 104 -8.37 18.22 16.16
C GLU D 104 -8.10 17.99 17.64
N ARG D 105 -7.51 16.85 17.95
CA ARG D 105 -7.51 16.37 19.32
C ARG D 105 -6.17 15.77 19.65
N VAL D 106 -5.95 15.61 20.95
CA VAL D 106 -5.03 14.62 21.48
C VAL D 106 -5.86 13.64 22.29
N ASP D 107 -5.70 12.38 21.97
CA ASP D 107 -6.33 11.33 22.78
C ASP D 107 -5.22 10.70 23.62
N VAL D 108 -5.38 10.79 24.93
CA VAL D 108 -4.46 10.10 25.83
C VAL D 108 -4.87 8.63 25.82
N LEU D 109 -4.05 7.80 25.19
CA LEU D 109 -4.32 6.38 25.04
C LEU D 109 -3.38 5.60 25.93
N ARG D 110 -3.92 4.61 26.62
CA ARG D 110 -3.17 3.75 27.52
C ARG D 110 -3.35 2.32 27.05
N ALA D 111 -2.26 1.67 26.67
CA ALA D 111 -2.33 0.26 26.33
C ALA D 111 -2.49 -0.53 27.62
N LEU D 112 -3.61 -1.25 27.74
CA LEU D 112 -3.83 -2.02 28.97
C LEU D 112 -2.79 -3.12 29.15
N PRO D 113 -2.41 -3.90 28.14
CA PRO D 113 -1.45 -4.99 28.37
C PRO D 113 -0.10 -4.50 28.83
N THR D 114 0.32 -3.31 28.42
CA THR D 114 1.68 -2.87 28.67
C THR D 114 1.78 -1.79 29.73
N GLY D 115 0.66 -1.23 30.17
CA GLY D 115 0.70 -0.09 31.05
C GLY D 115 1.27 1.17 30.44
N LYS D 116 1.57 1.18 29.15
CA LYS D 116 2.16 2.36 28.55
C LYS D 116 1.08 3.27 27.99
N SER D 117 1.31 4.57 28.08
CA SER D 117 0.37 5.55 27.61
C SER D 117 0.98 6.34 26.47
N TYR D 118 0.11 6.90 25.63
CA TYR D 118 0.60 7.72 24.53
C TYR D 118 -0.43 8.80 24.23
N ASN D 119 0.06 10.02 24.07
CA ASN D 119 -0.79 11.14 23.66
C ASN D 119 -0.86 11.11 22.15
N LEU D 120 -1.98 10.61 21.63
CA LEU D 120 -2.15 10.43 20.20
C LEU D 120 -2.72 11.70 19.59
N SER D 121 -1.98 12.30 18.67
CA SER D 121 -2.46 13.42 17.88
C SER D 121 -3.48 12.90 16.88
N VAL D 122 -4.71 13.36 16.97
CA VAL D 122 -5.78 12.85 16.14
C VAL D 122 -6.53 14.01 15.51
N LEU D 123 -6.87 13.85 14.25
CA LEU D 123 -7.84 14.71 13.60
C LEU D 123 -8.96 13.81 13.17
N GLY D 124 -10.16 14.08 13.67
CA GLY D 124 -11.30 13.25 13.43
C GLY D 124 -12.38 14.00 12.68
N VAL D 125 -13.15 13.26 11.91
CA VAL D 125 -14.33 13.79 11.24
C VAL D 125 -15.51 12.95 11.67
N PHE D 126 -16.62 13.62 11.93
CA PHE D 126 -17.83 12.96 12.36
C PHE D 126 -18.92 13.42 11.42
N GLN D 127 -19.68 12.48 10.91
CA GLN D 127 -20.87 12.80 10.15
C GLN D 127 -22.04 12.49 11.05
N LEU D 128 -22.99 13.42 11.08
CA LEU D 128 -24.14 13.24 11.93
C LEU D 128 -25.37 13.50 11.11
N THR D 129 -26.39 12.70 11.37
CA THR D 129 -27.73 12.98 10.91
C THR D 129 -28.63 12.87 12.12
N GLU D 130 -29.47 13.88 12.33
CA GLU D 130 -30.42 13.90 13.43
C GLU D 130 -29.74 13.62 14.76
N GLY D 131 -28.57 14.24 14.93
CA GLY D 131 -27.80 14.13 16.15
C GLY D 131 -27.11 12.81 16.35
N LYS D 132 -27.17 11.90 15.40
CA LYS D 132 -26.57 10.58 15.56
C LYS D 132 -25.43 10.42 14.56
N ILE D 133 -24.36 9.78 15.02
CA ILE D 133 -23.16 9.66 14.22
C ILE D 133 -23.41 8.65 13.11
N THR D 134 -23.30 9.11 11.87
CA THR D 134 -23.35 8.24 10.72
C THR D 134 -21.97 7.92 10.18
N GLY D 135 -20.96 8.66 10.63
CA GLY D 135 -19.62 8.36 10.23
C GLY D 135 -18.68 8.96 11.23
N TRP D 136 -17.66 8.22 11.63
CA TRP D 136 -16.62 8.76 12.48
C TRP D 136 -15.30 8.21 11.98
N ARG D 137 -14.42 9.10 11.54
CA ARG D 137 -13.12 8.67 11.07
C ARG D 137 -12.08 9.48 11.82
N ASP D 138 -11.18 8.79 12.50
CA ASP D 138 -10.05 9.40 13.18
C ASP D 138 -8.80 9.15 12.38
N TYR D 139 -8.11 10.22 12.06
CA TYR D 139 -6.88 10.16 11.32
C TYR D 139 -5.74 10.37 12.30
N PHE D 140 -4.72 9.55 12.17
CA PHE D 140 -3.60 9.60 13.08
C PHE D 140 -2.62 8.57 12.57
N ASP D 141 -1.43 8.60 13.12
CA ASP D 141 -0.41 7.65 12.75
C ASP D 141 -0.45 6.49 13.73
N LEU D 142 -0.73 5.31 13.23
CA LEU D 142 -0.89 4.16 14.11
C LEU D 142 0.46 3.68 14.64
N ARG D 143 1.49 3.69 13.79
CA ARG D 143 2.77 3.11 14.19
C ARG D 143 3.37 3.83 15.38
N GLU D 144 3.37 5.16 15.37
CA GLU D 144 3.97 5.90 16.51
C GLU D 144 3.22 5.53 17.78
N PHE D 145 1.93 5.29 17.65
CA PHE D 145 1.16 4.84 18.80
C PHE D 145 1.58 3.44 19.22
N GLU D 146 1.64 2.53 18.25
CA GLU D 146 2.01 1.14 18.55
C GLU D 146 3.37 1.08 19.22
N GLU D 147 4.32 1.85 18.74
CA GLU D 147 5.67 1.80 19.27
C GLU D 147 5.78 2.52 20.60
N ALA D 148 4.95 3.53 20.85
CA ALA D 148 5.01 4.19 22.14
C ALA D 148 4.47 3.28 23.24
N VAL D 149 3.42 2.51 22.96
CA VAL D 149 2.81 1.69 23.98
C VAL D 149 3.12 0.22 23.80
N ASP D 150 4.00 -0.13 22.85
CA ASP D 150 4.40 -1.50 22.62
C ASP D 150 3.19 -2.39 22.38
N LEU D 151 2.29 -1.92 21.53
CA LEU D 151 1.01 -2.59 21.29
C LEU D 151 0.64 -2.47 19.83
N PRO D 152 1.14 -3.38 18.99
CA PRO D 152 0.69 -3.41 17.59
C PRO D 152 -0.80 -3.69 17.53
N LEU D 153 -1.50 -2.94 16.68
CA LEU D 153 -2.95 -3.04 16.58
C LEU D 153 -3.44 -3.56 15.24
N ARG D 154 -2.56 -3.94 14.33
CA ARG D 154 -3.01 -4.42 13.02
C ARG D 154 -3.24 -5.94 12.99
C1 PEG E . 7.28 -7.82 -18.66
O1 PEG E . 7.96 -7.26 -17.55
C2 PEG E . 7.22 -6.77 -19.76
O2 PEG E . 6.67 -5.61 -19.18
C3 PEG E . 5.27 -5.58 -19.19
C4 PEG E . 4.77 -4.48 -18.25
O4 PEG E . 3.37 -4.41 -18.31
C1 EDO F . 4.78 -3.26 -3.23
O1 EDO F . 5.41 -2.02 -2.90
C2 EDO F . 3.53 -2.98 -4.08
O2 EDO F . 3.89 -2.21 -5.19
H11 EDO F . 4.51 -3.70 -2.41
H12 EDO F . 5.39 -3.81 -3.73
HO1 EDO F . 6.14 -2.19 -2.49
H21 EDO F . 2.87 -2.52 -3.54
H22 EDO F . 3.17 -3.83 -4.39
HO2 EDO F . 4.71 -1.97 -5.12
C1 GOL G . -0.26 -15.84 -3.44
O1 GOL G . 0.46 -16.92 -3.90
C2 GOL G . -0.43 -15.98 -1.92
O2 GOL G . 0.72 -15.44 -1.33
C3 GOL G . -1.68 -15.27 -1.42
O3 GOL G . -2.03 -14.25 -2.29
C1 EDO H . 4.12 -6.13 7.17
O1 EDO H . 4.06 -6.01 8.56
C2 EDO H . 2.75 -6.02 6.51
O2 EDO H . 2.21 -4.73 6.72
H11 EDO H . 4.50 -7.00 6.95
H12 EDO H . 4.71 -5.44 6.81
HO1 EDO H . 3.81 -6.75 8.89
H21 EDO H . 2.15 -6.69 6.88
H22 EDO H . 2.84 -6.16 5.55
HO2 EDO H . 2.67 -4.32 7.31
C1 EDO I . 9.80 -5.49 -2.63
O1 EDO I . 9.97 -5.68 -1.25
C2 EDO I . 9.07 -4.24 -2.96
O2 EDO I . 7.68 -4.39 -2.92
H11 EDO I . 9.30 -6.25 -2.99
H12 EDO I . 10.67 -5.46 -3.05
HO1 EDO I . 10.48 -5.07 -0.95
H21 EDO I . 9.32 -3.97 -3.86
H22 EDO I . 9.34 -3.55 -2.34
HO2 EDO I . 7.42 -4.93 -3.52
C1 PEG J . 0.74 16.22 3.20
O1 PEG J . -0.42 15.57 2.72
C2 PEG J . 1.92 15.76 2.36
O2 PEG J . 1.99 14.36 2.43
C3 PEG J . 3.15 13.89 3.07
C4 PEG J . 3.08 12.38 3.26
O4 PEG J . 4.32 11.91 3.71
C1 PEG K . -10.05 7.04 18.68
O1 PEG K . -8.86 7.72 18.36
C2 PEG K . -9.89 5.56 18.34
O2 PEG K . -8.66 5.13 18.89
C3 PEG K . -7.75 4.66 17.93
C4 PEG K . -6.88 3.55 18.51
O4 PEG K . -5.73 3.44 17.70
C1 GOL L . -22.19 3.70 5.02
O1 GOL L . -23.43 3.34 5.64
C2 GOL L . -21.54 4.83 5.78
O2 GOL L . -20.38 5.29 5.07
C3 GOL L . -22.47 5.99 6.00
O3 GOL L . -23.22 5.84 7.20
H11 GOL L . -22.34 3.95 4.10
H12 GOL L . -21.59 2.94 4.98
HO1 GOL L . -23.30 3.45 6.48
H2 GOL L . -21.27 4.50 6.65
HO2 GOL L . -20.17 4.69 4.50
H31 GOL L . -23.07 6.09 5.24
H32 GOL L . -21.98 6.82 6.02
HO3 GOL L . -22.65 5.67 7.81
#